data_6Y16
#
_entry.id   6Y16
#
_cell.length_a   35.447
_cell.length_b   45.812
_cell.length_c   52.408
_cell.angle_alpha   64.070
_cell.angle_beta   70.330
_cell.angle_gamma   90.020
#
_symmetry.space_group_name_H-M   'P 1'
#
loop_
_entity.id
_entity.type
_entity.pdbx_description
1 polymer 'Amino acid ABC transporter, periplasmic amino acid-binding protein,Amino acid ABC transporter, periplasmic amino acid-binding protein'
2 non-polymer GUANIDINE
3 non-polymer 1,2-ETHANEDIOL
4 water water
#
_entity_poly.entity_id   1
_entity_poly.type   'polypeptide(L)'
_entity_poly.pdbx_seq_one_letter_code
;MAIDEIKSRGYLLVGLSADFPPFEFVDENGNIVGFDVDLAKEIARRLGVELKIVDMTFDGLIPSLLTKKIDVIISGMTIT
EERKKVVAFSDPYFDAGGGGSGEQYGIAVRKEDTDLLEFINSVLRELK
;
_entity_poly.pdbx_strand_id   A,B
#
loop_
_chem_comp.id
_chem_comp.type
_chem_comp.name
_chem_comp.formula
EDO non-polymer 1,2-ETHANEDIOL 'C2 H6 O2'
GAI non-polymer GUANIDINE 'C H5 N3'
#
# COMPACT_ATOMS: atom_id res chain seq x y z
N ALA A 2 -1.12 -17.59 4.47
CA ALA A 2 -0.83 -16.11 4.34
C ALA A 2 -1.19 -15.62 2.93
N ILE A 3 -1.17 -16.50 1.93
CA ILE A 3 -1.41 -16.07 0.52
C ILE A 3 -2.86 -15.64 0.36
N ASP A 4 -3.81 -16.35 0.98
CA ASP A 4 -5.25 -15.99 0.91
C ASP A 4 -5.43 -14.53 1.38
N GLU A 5 -4.76 -14.16 2.46
CA GLU A 5 -4.92 -12.83 3.11
C GLU A 5 -4.27 -11.74 2.25
N ILE A 6 -3.10 -12.02 1.67
CA ILE A 6 -2.45 -11.09 0.71
C ILE A 6 -3.41 -10.89 -0.48
N LYS A 7 -3.92 -11.98 -1.07
CA LYS A 7 -4.75 -11.87 -2.29
C LYS A 7 -6.03 -11.11 -1.95
N SER A 8 -6.55 -11.33 -0.74
CA SER A 8 -7.76 -10.60 -0.29
C SER A 8 -7.48 -9.10 -0.17
N ARG A 9 -6.38 -8.69 0.45
CA ARG A 9 -5.94 -7.27 0.53
C ARG A 9 -5.68 -6.69 -0.87
N GLY A 10 -5.04 -7.47 -1.76
CA GLY A 10 -4.79 -7.07 -3.14
C GLY A 10 -3.46 -6.34 -3.28
N TYR A 11 -2.58 -6.47 -2.28
CA TYR A 11 -1.23 -5.87 -2.33
C TYR A 11 -0.28 -6.71 -1.49
N LEU A 12 0.99 -6.59 -1.84
CA LEU A 12 2.13 -7.19 -1.12
C LEU A 12 3.01 -6.07 -0.57
N LEU A 13 3.31 -6.12 0.73
CA LEU A 13 4.13 -5.10 1.42
C LEU A 13 5.55 -5.67 1.49
N VAL A 14 6.47 -5.06 0.75
CA VAL A 14 7.89 -5.50 0.71
C VAL A 14 8.72 -4.47 1.45
N GLY A 15 9.44 -4.93 2.47
CA GLY A 15 10.38 -4.08 3.21
C GLY A 15 11.75 -4.10 2.55
N LEU A 16 12.35 -2.93 2.42
CA LEU A 16 13.79 -2.87 2.08
C LEU A 16 14.40 -1.59 2.63
N SER A 17 15.71 -1.48 2.48
CA SER A 17 16.50 -0.27 2.84
C SER A 17 17.12 0.26 1.54
N ALA A 18 16.58 1.36 1.00
CA ALA A 18 16.95 1.81 -0.36
C ALA A 18 18.27 2.61 -0.34
N ASP A 19 19.35 1.99 0.13
CA ASP A 19 20.68 2.65 0.17
C ASP A 19 21.74 1.68 -0.35
N PHE A 20 21.39 0.81 -1.29
CA PHE A 20 22.27 -0.35 -1.62
C PHE A 20 22.13 -0.66 -3.11
N PRO A 21 22.62 0.26 -3.94
CA PRO A 21 22.62 0.01 -5.38
C PRO A 21 23.53 -1.19 -5.61
N PRO A 22 23.30 -2.03 -6.63
CA PRO A 22 22.21 -1.94 -7.59
C PRO A 22 20.93 -2.67 -7.16
N PHE A 23 20.86 -3.09 -5.91
CA PHE A 23 19.72 -3.92 -5.42
C PHE A 23 18.51 -3.05 -5.11
N GLU A 24 18.72 -1.99 -4.31
CA GLU A 24 17.62 -1.02 -4.04
C GLU A 24 18.28 0.33 -3.81
N PHE A 25 17.79 1.34 -4.49
CA PHE A 25 18.30 2.73 -4.38
C PHE A 25 17.26 3.70 -4.92
N VAL A 26 17.42 4.97 -4.54
CA VAL A 26 16.56 6.12 -4.97
C VAL A 26 17.22 6.78 -6.20
N ASP A 27 16.53 6.79 -7.33
CA ASP A 27 17.10 7.26 -8.63
C ASP A 27 16.85 8.77 -8.76
N GLU A 28 17.22 9.33 -9.92
CA GLU A 28 17.32 10.79 -10.17
C GLU A 28 15.91 11.39 -10.05
N ASN A 29 14.87 10.58 -10.23
CA ASN A 29 13.44 10.98 -10.16
C ASN A 29 12.85 10.68 -8.77
N GLY A 30 13.67 10.35 -7.77
CA GLY A 30 13.21 9.99 -6.41
C GLY A 30 12.38 8.72 -6.37
N ASN A 31 12.55 7.80 -7.30
CA ASN A 31 11.80 6.51 -7.30
C ASN A 31 12.74 5.41 -6.80
N ILE A 32 12.18 4.48 -6.00
CA ILE A 32 12.98 3.34 -5.48
C ILE A 32 13.00 2.30 -6.58
N VAL A 33 14.20 1.92 -7.00
CA VAL A 33 14.42 1.01 -8.14
C VAL A 33 15.54 0.05 -7.76
N GLY A 34 15.70 -0.99 -8.57
CA GLY A 34 16.85 -1.89 -8.46
C GLY A 34 16.44 -3.33 -8.70
N PHE A 35 17.42 -4.22 -8.64
CA PHE A 35 17.22 -5.66 -8.89
C PHE A 35 16.13 -6.18 -7.94
N ASP A 36 16.19 -5.80 -6.67
CA ASP A 36 15.24 -6.31 -5.64
C ASP A 36 13.84 -5.77 -5.89
N VAL A 37 13.73 -4.55 -6.37
CA VAL A 37 12.41 -3.97 -6.71
C VAL A 37 11.86 -4.82 -7.86
N ASP A 38 12.69 -5.07 -8.88
CA ASP A 38 12.23 -5.89 -10.04
C ASP A 38 11.71 -7.25 -9.56
N LEU A 39 12.42 -7.89 -8.62
CA LEU A 39 12.03 -9.21 -8.09
C LEU A 39 10.72 -9.06 -7.28
N ALA A 40 10.62 -8.05 -6.41
CA ALA A 40 9.36 -7.76 -5.66
C ALA A 40 8.19 -7.65 -6.65
N LYS A 41 8.41 -6.92 -7.75
CA LYS A 41 7.33 -6.67 -8.74
C LYS A 41 6.91 -8.00 -9.36
N GLU A 42 7.88 -8.86 -9.66
CA GLU A 42 7.60 -10.16 -10.27
C GLU A 42 6.75 -11.01 -9.34
N ILE A 43 7.17 -11.09 -8.08
CA ILE A 43 6.42 -11.89 -7.07
C ILE A 43 4.99 -11.34 -6.92
N ALA A 44 4.82 -10.03 -6.78
CA ALA A 44 3.49 -9.43 -6.63
C ALA A 44 2.67 -9.80 -7.88
N ARG A 45 3.29 -9.68 -9.05
CA ARG A 45 2.55 -9.92 -10.32
C ARG A 45 2.09 -11.39 -10.32
N ARG A 46 2.93 -12.32 -9.89
CA ARG A 46 2.55 -13.75 -9.95
C ARG A 46 1.52 -14.07 -8.86
N LEU A 47 1.42 -13.28 -7.79
CA LEU A 47 0.33 -13.45 -6.79
C LEU A 47 -0.96 -12.77 -7.26
N GLY A 48 -0.90 -11.99 -8.35
CA GLY A 48 -2.03 -11.20 -8.88
C GLY A 48 -2.33 -10.01 -7.97
N VAL A 49 -1.32 -9.46 -7.29
CA VAL A 49 -1.56 -8.27 -6.40
C VAL A 49 -0.66 -7.12 -6.80
N GLU A 50 -0.93 -5.94 -6.21
CA GLU A 50 -0.08 -4.75 -6.42
C GLU A 50 1.07 -4.79 -5.39
N LEU A 51 2.08 -3.97 -5.62
CA LEU A 51 3.28 -3.89 -4.76
C LEU A 51 3.32 -2.56 -4.02
N LYS A 52 3.53 -2.60 -2.70
CA LYS A 52 3.94 -1.41 -1.92
C LYS A 52 5.33 -1.71 -1.33
N ILE A 53 6.33 -0.98 -1.81
CA ILE A 53 7.71 -0.96 -1.20
C ILE A 53 7.63 -0.11 0.05
N VAL A 54 8.03 -0.70 1.17
CA VAL A 54 8.11 0.05 2.46
C VAL A 54 9.59 0.26 2.75
N ASP A 55 10.08 1.49 2.57
CA ASP A 55 11.52 1.83 2.75
C ASP A 55 11.74 2.07 4.24
N MET A 56 12.81 1.51 4.78
CA MET A 56 13.20 1.73 6.18
C MET A 56 14.71 1.52 6.32
N THR A 57 15.22 1.66 7.54
CA THR A 57 16.63 1.34 7.87
C THR A 57 16.78 -0.18 7.84
N PHE A 58 17.94 -0.64 7.41
CA PHE A 58 18.22 -2.09 7.30
C PHE A 58 17.96 -2.81 8.63
N ASP A 59 18.44 -2.23 9.76
CA ASP A 59 18.28 -2.81 11.10
C ASP A 59 16.79 -2.86 11.49
N GLY A 60 15.93 -2.08 10.83
CA GLY A 60 14.49 -2.10 11.12
C GLY A 60 13.74 -3.22 10.39
N LEU A 61 14.35 -3.89 9.41
CA LEU A 61 13.62 -4.80 8.50
C LEU A 61 13.06 -5.99 9.27
N ILE A 62 13.88 -6.74 10.00
CA ILE A 62 13.34 -7.96 10.67
C ILE A 62 12.34 -7.52 11.75
N PRO A 63 12.59 -6.46 12.54
CA PRO A 63 11.55 -5.98 13.45
C PRO A 63 10.21 -5.68 12.77
N SER A 64 10.23 -5.05 11.60
CA SER A 64 9.00 -4.72 10.83
C SER A 64 8.31 -5.98 10.35
N LEU A 65 9.09 -6.97 9.92
CA LEU A 65 8.49 -8.23 9.47
C LEU A 65 7.81 -8.93 10.66
N LEU A 66 8.47 -8.98 11.82
CA LEU A 66 7.93 -9.63 13.06
C LEU A 66 6.59 -9.00 13.45
N THR A 67 6.49 -7.67 13.36
CA THR A 67 5.30 -6.89 13.78
C THR A 67 4.28 -6.80 12.65
N LYS A 68 4.50 -7.54 11.56
CA LYS A 68 3.53 -7.66 10.44
C LYS A 68 3.29 -6.29 9.77
N LYS A 69 4.29 -5.40 9.71
CA LYS A 69 4.20 -4.14 8.94
C LYS A 69 4.49 -4.47 7.46
N ILE A 70 5.15 -5.60 7.20
CA ILE A 70 5.57 -6.05 5.85
C ILE A 70 5.32 -7.56 5.76
N ASP A 71 5.04 -8.01 4.53
CA ASP A 71 4.91 -9.45 4.24
C ASP A 71 6.28 -10.12 4.13
N VAL A 72 7.25 -9.46 3.51
CA VAL A 72 8.56 -10.07 3.21
C VAL A 72 9.61 -8.96 3.19
N ILE A 73 10.86 -9.39 3.31
CA ILE A 73 12.06 -8.51 3.15
C ILE A 73 12.71 -8.92 1.82
N ILE A 74 12.90 -7.96 0.90
CA ILE A 74 13.75 -8.21 -0.30
C ILE A 74 14.75 -7.05 -0.37
N SER A 75 15.92 -7.22 0.23
CA SER A 75 16.78 -6.05 0.55
C SER A 75 18.26 -6.41 0.63
N GLY A 76 18.77 -7.18 -0.32
CA GLY A 76 20.18 -7.57 -0.31
C GLY A 76 20.55 -8.19 1.01
N MET A 77 19.64 -9.01 1.56
CA MET A 77 19.82 -9.62 2.91
C MET A 77 20.47 -10.99 2.75
N THR A 78 21.68 -11.13 3.30
CA THR A 78 22.45 -12.38 3.27
C THR A 78 21.69 -13.39 4.14
N ILE A 79 21.63 -14.65 3.67
CA ILE A 79 21.07 -15.75 4.49
C ILE A 79 22.17 -16.08 5.50
N THR A 80 21.86 -15.92 6.78
CA THR A 80 22.87 -16.23 7.84
C THR A 80 22.20 -17.13 8.87
N GLU A 81 23.02 -17.86 9.62
CA GLU A 81 22.51 -18.64 10.77
C GLU A 81 21.86 -17.73 11.83
N GLU A 82 22.41 -16.53 12.05
CA GLU A 82 21.85 -15.59 13.05
C GLU A 82 20.44 -15.20 12.61
N ARG A 83 20.26 -14.83 11.34
CA ARG A 83 18.92 -14.38 10.86
C ARG A 83 17.97 -15.57 10.80
N LYS A 84 18.46 -16.79 10.55
CA LYS A 84 17.58 -17.99 10.52
C LYS A 84 17.02 -18.31 11.91
N LYS A 85 17.56 -17.74 12.99
CA LYS A 85 16.95 -17.96 14.31
C LYS A 85 15.57 -17.29 14.35
N VAL A 86 15.40 -16.20 13.59
CA VAL A 86 14.20 -15.32 13.80
C VAL A 86 13.27 -15.34 12.59
N VAL A 87 13.78 -15.53 11.36
CA VAL A 87 12.95 -15.55 10.13
C VAL A 87 13.29 -16.77 9.28
N ALA A 88 12.42 -17.07 8.33
CA ALA A 88 12.63 -18.07 7.26
C ALA A 88 13.21 -17.34 6.04
N PHE A 89 14.06 -18.02 5.27
CA PHE A 89 14.56 -17.49 3.99
C PHE A 89 14.08 -18.38 2.85
N SER A 90 13.81 -17.72 1.72
CA SER A 90 13.69 -18.37 0.40
C SER A 90 15.02 -19.03 0.06
N ASP A 91 14.99 -19.84 -1.00
CA ASP A 91 16.23 -20.25 -1.68
C ASP A 91 16.99 -18.98 -2.07
N PRO A 92 18.33 -19.03 -2.18
CA PRO A 92 19.08 -17.86 -2.60
C PRO A 92 18.64 -17.38 -3.98
N TYR A 93 18.58 -16.07 -4.15
CA TYR A 93 18.23 -15.49 -5.47
C TYR A 93 19.42 -14.73 -6.07
N PHE A 94 20.49 -14.57 -5.32
CA PHE A 94 21.72 -13.90 -5.78
C PHE A 94 22.88 -14.52 -5.03
N ASP A 95 23.90 -14.91 -5.78
CA ASP A 95 25.14 -15.55 -5.28
C ASP A 95 26.30 -14.59 -5.54
N ALA A 96 26.85 -14.00 -4.48
CA ALA A 96 27.80 -12.89 -4.65
C ALA A 96 29.10 -13.44 -5.23
N GLY A 97 29.47 -14.66 -4.80
CA GLY A 97 30.85 -15.15 -4.94
C GLY A 97 31.00 -16.09 -6.13
N GLY A 98 29.90 -16.64 -6.63
CA GLY A 98 29.89 -17.71 -7.64
C GLY A 98 30.02 -19.09 -7.02
N GLY A 99 29.45 -20.11 -7.70
CA GLY A 99 29.31 -21.49 -7.21
C GLY A 99 28.86 -21.56 -5.76
N GLY A 100 27.77 -20.85 -5.41
CA GLY A 100 27.15 -20.86 -4.07
C GLY A 100 28.07 -20.36 -2.98
N SER A 101 29.15 -19.67 -3.35
CA SER A 101 30.25 -19.24 -2.45
C SER A 101 29.95 -17.83 -1.93
N GLY A 102 30.34 -17.60 -0.67
CA GLY A 102 30.18 -16.31 0.01
C GLY A 102 28.71 -15.93 0.10
N GLU A 103 28.44 -14.64 0.14
CA GLU A 103 27.11 -14.09 0.54
C GLU A 103 26.07 -14.60 -0.47
N GLN A 104 25.00 -15.23 0.02
CA GLN A 104 23.81 -15.56 -0.81
CA GLN A 104 23.82 -15.52 -0.85
C GLN A 104 22.64 -14.72 -0.29
N TYR A 105 21.96 -14.01 -1.17
CA TYR A 105 20.79 -13.18 -0.76
C TYR A 105 19.54 -14.04 -0.82
N GLY A 106 18.72 -13.89 0.21
CA GLY A 106 17.40 -14.53 0.28
C GLY A 106 16.30 -13.55 0.63
N ILE A 107 15.06 -13.99 0.38
CA ILE A 107 13.84 -13.24 0.75
C ILE A 107 13.43 -13.76 2.12
N ALA A 108 13.32 -12.86 3.10
CA ALA A 108 12.94 -13.23 4.47
C ALA A 108 11.41 -13.20 4.59
N VAL A 109 10.89 -14.25 5.23
CA VAL A 109 9.44 -14.46 5.46
C VAL A 109 9.24 -14.85 6.94
N ARG A 110 8.14 -14.45 7.57
CA ARG A 110 7.84 -14.95 8.94
C ARG A 110 7.80 -16.48 8.86
N LYS A 111 8.36 -17.15 9.87
CA LYS A 111 8.39 -18.63 9.90
C LYS A 111 6.97 -19.21 9.79
N GLU A 112 5.92 -18.49 10.23
CA GLU A 112 4.54 -19.07 10.21
C GLU A 112 4.03 -19.10 8.77
N ASP A 113 4.61 -18.31 7.87
CA ASP A 113 3.98 -18.04 6.54
C ASP A 113 4.54 -19.04 5.53
N THR A 114 4.25 -20.31 5.74
CA THR A 114 4.86 -21.45 5.00
C THR A 114 4.37 -21.45 3.55
N ASP A 115 3.08 -21.17 3.32
CA ASP A 115 2.52 -21.16 1.95
C ASP A 115 3.23 -20.07 1.14
N LEU A 116 3.43 -18.87 1.72
CA LEU A 116 4.06 -17.75 1.00
C LEU A 116 5.50 -18.13 0.65
N LEU A 117 6.20 -18.80 1.57
CA LEU A 117 7.60 -19.20 1.30
C LEU A 117 7.62 -20.21 0.15
N GLU A 118 6.73 -21.19 0.16
CA GLU A 118 6.64 -22.27 -0.87
C GLU A 118 6.39 -21.62 -2.22
N PHE A 119 5.52 -20.60 -2.28
CA PHE A 119 5.17 -19.90 -3.52
C PHE A 119 6.37 -19.10 -4.03
N ILE A 120 7.05 -18.36 -3.14
CA ILE A 120 8.25 -17.57 -3.53
C ILE A 120 9.31 -18.52 -4.08
N ASN A 121 9.52 -19.66 -3.44
CA ASN A 121 10.52 -20.61 -3.98
C ASN A 121 10.13 -21.10 -5.37
N SER A 122 8.84 -21.33 -5.62
CA SER A 122 8.35 -21.70 -6.98
C SER A 122 8.65 -20.60 -7.99
N VAL A 123 8.41 -19.36 -7.62
CA VAL A 123 8.67 -18.20 -8.51
C VAL A 123 10.16 -18.13 -8.83
N LEU A 124 11.03 -18.32 -7.83
CA LEU A 124 12.49 -18.18 -8.07
C LEU A 124 12.95 -19.25 -9.09
N ARG A 125 12.41 -20.46 -8.95
CA ARG A 125 12.78 -21.57 -9.89
C ARG A 125 12.31 -21.16 -11.30
N GLU A 126 11.13 -20.57 -11.40
CA GLU A 126 10.59 -20.12 -12.71
C GLU A 126 11.49 -18.99 -13.24
N LEU A 127 11.94 -18.08 -12.39
CA LEU A 127 12.76 -16.94 -12.88
C LEU A 127 14.12 -17.45 -13.34
N LYS A 128 14.68 -18.45 -12.66
CA LYS A 128 15.83 -19.24 -13.17
C LYS A 128 15.33 -20.12 -14.31
N ALA B 2 1.58 16.86 -3.65
CA ALA B 2 0.48 16.27 -4.52
C ALA B 2 -0.57 17.33 -4.91
N ILE B 3 -0.72 18.38 -4.11
CA ILE B 3 -1.83 19.35 -4.33
C ILE B 3 -1.56 20.13 -5.61
N ASP B 4 -0.31 20.52 -5.87
CA ASP B 4 0.08 21.27 -7.09
C ASP B 4 -0.39 20.45 -8.31
N GLU B 5 -0.14 19.14 -8.29
CA GLU B 5 -0.39 18.24 -9.45
C GLU B 5 -1.89 18.06 -9.65
N ILE B 6 -2.64 17.95 -8.56
CA ILE B 6 -4.13 17.86 -8.62
C ILE B 6 -4.64 19.18 -9.23
N LYS B 7 -4.19 20.31 -8.70
CA LYS B 7 -4.71 21.63 -9.14
C LYS B 7 -4.36 21.83 -10.62
N SER B 8 -3.18 21.39 -11.06
CA SER B 8 -2.78 21.48 -12.49
CA SER B 8 -2.77 21.46 -12.49
C SER B 8 -3.73 20.65 -13.37
N ARG B 9 -4.00 19.41 -12.97
CA ARG B 9 -4.89 18.48 -13.69
C ARG B 9 -6.31 19.08 -13.71
N GLY B 10 -6.74 19.69 -12.61
CA GLY B 10 -8.04 20.37 -12.54
C GLY B 10 -9.13 19.43 -12.08
N TYR B 11 -8.78 18.26 -11.57
CA TYR B 11 -9.77 17.28 -11.07
C TYR B 11 -9.12 16.45 -9.95
N LEU B 12 -10.02 15.93 -9.10
CA LEU B 12 -9.73 15.03 -7.97
C LEU B 12 -10.36 13.68 -8.29
N LEU B 13 -9.57 12.61 -8.26
CA LEU B 13 -10.06 11.23 -8.52
C LEU B 13 -10.32 10.58 -7.16
N VAL B 14 -11.58 10.31 -6.85
CA VAL B 14 -12.00 9.68 -5.56
C VAL B 14 -12.52 8.27 -5.82
N GLY B 15 -11.87 7.30 -5.22
CA GLY B 15 -12.26 5.89 -5.29
C GLY B 15 -13.33 5.59 -4.26
N LEU B 16 -14.36 4.85 -4.68
CA LEU B 16 -15.27 4.25 -3.68
C LEU B 16 -15.93 3.01 -4.28
N SER B 17 -16.69 2.32 -3.42
CA SER B 17 -17.49 1.12 -3.81
C SER B 17 -18.94 1.50 -3.56
N ALA B 18 -19.70 1.81 -4.62
CA ALA B 18 -21.06 2.40 -4.47
C ALA B 18 -22.08 1.30 -4.15
N ASP B 19 -21.87 0.56 -3.07
CA ASP B 19 -22.83 -0.48 -2.63
C ASP B 19 -23.11 -0.36 -1.13
N PHE B 20 -23.06 0.86 -0.59
CA PHE B 20 -23.03 1.08 0.88
C PHE B 20 -23.83 2.34 1.22
N PRO B 21 -25.17 2.27 1.06
CA PRO B 21 -26.01 3.39 1.44
C PRO B 21 -25.92 3.47 2.96
N PRO B 22 -26.02 4.67 3.59
CA PRO B 22 -26.16 5.97 2.93
C PRO B 22 -24.88 6.71 2.53
N PHE B 23 -23.76 6.03 2.55
CA PHE B 23 -22.43 6.65 2.28
C PHE B 23 -22.18 6.78 0.77
N GLU B 24 -22.34 5.67 0.03
CA GLU B 24 -22.23 5.74 -1.45
C GLU B 24 -23.14 4.65 -2.00
N PHE B 25 -24.00 5.04 -2.92
CA PHE B 25 -24.92 4.10 -3.60
C PHE B 25 -25.36 4.71 -4.92
N VAL B 26 -25.95 3.86 -5.77
CA VAL B 26 -26.49 4.23 -7.11
C VAL B 26 -27.99 4.50 -6.94
N ASP B 27 -28.47 5.69 -7.29
CA ASP B 27 -29.89 6.09 -7.05
C ASP B 27 -30.73 5.64 -8.26
N GLU B 28 -32.01 6.04 -8.28
CA GLU B 28 -33.02 5.60 -9.29
C GLU B 28 -32.62 6.15 -10.66
N ASN B 29 -31.86 7.25 -10.69
CA ASN B 29 -31.39 7.92 -11.93
C ASN B 29 -30.07 7.30 -12.38
N GLY B 30 -29.55 6.28 -11.68
CA GLY B 30 -28.23 5.67 -11.97
C GLY B 30 -27.06 6.58 -11.61
N ASN B 31 -27.24 7.53 -10.71
CA ASN B 31 -26.16 8.47 -10.29
C ASN B 31 -25.63 7.96 -8.94
N ILE B 32 -24.32 8.07 -8.75
CA ILE B 32 -23.65 7.66 -7.48
C ILE B 32 -23.78 8.84 -6.53
N VAL B 33 -24.40 8.59 -5.39
CA VAL B 33 -24.75 9.66 -4.42
C VAL B 33 -24.49 9.12 -3.01
N GLY B 34 -24.49 10.02 -2.03
CA GLY B 34 -24.45 9.65 -0.61
C GLY B 34 -23.56 10.60 0.17
N PHE B 35 -23.46 10.35 1.46
CA PHE B 35 -22.68 11.19 2.39
C PHE B 35 -21.25 11.36 1.87
N ASP B 36 -20.61 10.27 1.43
CA ASP B 36 -19.20 10.32 1.00
C ASP B 36 -19.06 11.09 -0.32
N VAL B 37 -20.05 11.02 -1.19
CA VAL B 37 -20.03 11.78 -2.47
C VAL B 37 -20.08 13.26 -2.10
N ASP B 38 -20.97 13.62 -1.17
CA ASP B 38 -21.06 15.04 -0.74
C ASP B 38 -19.72 15.49 -0.17
N LEU B 39 -19.05 14.66 0.63
CA LEU B 39 -17.77 15.03 1.26
C LEU B 39 -16.71 15.20 0.15
N ALA B 40 -16.67 14.26 -0.79
CA ALA B 40 -15.74 14.32 -1.93
C ALA B 40 -15.96 15.65 -2.68
N LYS B 41 -17.20 16.03 -2.91
CA LYS B 41 -17.54 17.25 -3.67
C LYS B 41 -17.00 18.48 -2.93
N GLU B 42 -17.13 18.49 -1.60
CA GLU B 42 -16.70 19.61 -0.72
C GLU B 42 -15.18 19.72 -0.77
N ILE B 43 -14.47 18.58 -0.70
CA ILE B 43 -12.98 18.62 -0.77
C ILE B 43 -12.56 19.12 -2.15
N ALA B 44 -13.12 18.57 -3.24
CA ALA B 44 -12.79 19.04 -4.60
C ALA B 44 -13.07 20.55 -4.71
N ARG B 45 -14.22 20.99 -4.23
CA ARG B 45 -14.60 22.43 -4.33
C ARG B 45 -13.54 23.27 -3.60
N ARG B 46 -13.09 22.86 -2.43
CA ARG B 46 -12.12 23.68 -1.65
C ARG B 46 -10.75 23.62 -2.30
N LEU B 47 -10.43 22.57 -3.06
CA LEU B 47 -9.18 22.54 -3.86
C LEU B 47 -9.31 23.36 -5.14
N GLY B 48 -10.52 23.79 -5.51
CA GLY B 48 -10.83 24.50 -6.77
C GLY B 48 -10.78 23.55 -7.98
N VAL B 49 -11.11 22.27 -7.80
CA VAL B 49 -11.06 21.30 -8.94
C VAL B 49 -12.42 20.61 -9.07
N GLU B 50 -12.59 19.91 -10.19
CA GLU B 50 -13.78 19.07 -10.43
C GLU B 50 -13.56 17.70 -9.78
N LEU B 51 -14.64 16.96 -9.67
CA LEU B 51 -14.62 15.63 -9.03
C LEU B 51 -14.87 14.57 -10.09
N LYS B 52 -14.05 13.52 -10.09
CA LYS B 52 -14.38 12.25 -10.79
CA LYS B 52 -14.38 12.25 -10.79
C LYS B 52 -14.47 11.13 -9.74
N ILE B 53 -15.65 10.59 -9.54
CA ILE B 53 -15.87 9.38 -8.68
C ILE B 53 -15.50 8.16 -9.52
N VAL B 54 -14.57 7.36 -9.02
CA VAL B 54 -14.16 6.09 -9.66
C VAL B 54 -14.76 4.96 -8.84
N ASP B 55 -15.81 4.33 -9.37
CA ASP B 55 -16.50 3.23 -8.65
C ASP B 55 -15.73 1.95 -8.92
N MET B 56 -15.54 1.14 -7.90
CA MET B 56 -14.86 -0.17 -8.02
C MET B 56 -15.32 -1.04 -6.85
N THR B 57 -14.84 -2.28 -6.81
CA THR B 57 -15.07 -3.17 -5.66
C THR B 57 -14.30 -2.62 -4.47
N PHE B 58 -14.81 -2.85 -3.26
CA PHE B 58 -14.17 -2.34 -2.01
C PHE B 58 -12.74 -2.85 -1.89
N ASP B 59 -12.51 -4.15 -2.18
CA ASP B 59 -11.18 -4.78 -2.07
C ASP B 59 -10.22 -4.20 -3.11
N GLY B 60 -10.72 -3.54 -4.15
CA GLY B 60 -9.86 -2.89 -5.15
C GLY B 60 -9.37 -1.49 -4.75
N LEU B 61 -9.97 -0.88 -3.71
CA LEU B 61 -9.75 0.56 -3.41
C LEU B 61 -8.28 0.82 -3.06
N ILE B 62 -7.72 0.09 -2.10
CA ILE B 62 -6.33 0.41 -1.69
C ILE B 62 -5.36 0.06 -2.83
N PRO B 63 -5.51 -1.09 -3.53
CA PRO B 63 -4.70 -1.33 -4.73
C PRO B 63 -4.77 -0.19 -5.74
N SER B 64 -5.94 0.39 -5.96
CA SER B 64 -6.11 1.48 -6.95
CA SER B 64 -6.14 1.50 -6.93
C SER B 64 -5.40 2.74 -6.44
N LEU B 65 -5.44 2.98 -5.13
CA LEU B 65 -4.76 4.14 -4.55
C LEU B 65 -3.24 3.97 -4.72
N LEU B 66 -2.71 2.78 -4.44
CA LEU B 66 -1.25 2.48 -4.54
C LEU B 66 -0.77 2.70 -5.96
N THR B 67 -1.57 2.29 -6.96
CA THR B 67 -1.14 2.38 -8.38
C THR B 67 -1.59 3.71 -8.98
N LYS B 68 -2.06 4.64 -8.14
CA LYS B 68 -2.26 6.06 -8.50
C LYS B 68 -3.36 6.18 -9.57
N LYS B 69 -4.36 5.30 -9.55
CA LYS B 69 -5.57 5.42 -10.39
C LYS B 69 -6.52 6.41 -9.71
N ILE B 70 -6.30 6.64 -8.42
CA ILE B 70 -7.14 7.55 -7.59
C ILE B 70 -6.25 8.40 -6.70
N ASP B 71 -6.71 9.59 -6.35
CA ASP B 71 -6.02 10.46 -5.36
C ASP B 71 -6.30 10.01 -3.91
N VAL B 72 -7.54 9.64 -3.62
CA VAL B 72 -8.00 9.33 -2.25
C VAL B 72 -9.11 8.29 -2.30
N ILE B 73 -9.37 7.66 -1.15
CA ILE B 73 -10.52 6.75 -0.95
C ILE B 73 -11.51 7.43 -0.01
N ILE B 74 -12.76 7.60 -0.44
CA ILE B 74 -13.82 8.08 0.49
C ILE B 74 -15.00 7.11 0.34
N SER B 75 -15.00 6.08 1.17
CA SER B 75 -15.84 4.90 0.88
C SER B 75 -16.22 4.13 2.14
N GLY B 76 -16.69 4.85 3.16
CA GLY B 76 -17.09 4.17 4.41
C GLY B 76 -15.98 3.26 4.92
N MET B 77 -14.72 3.72 4.82
CA MET B 77 -13.53 2.89 5.13
C MET B 77 -13.13 3.14 6.59
N THR B 78 -13.24 2.10 7.42
CA THR B 78 -12.87 2.16 8.84
C THR B 78 -11.36 2.38 8.93
N ILE B 79 -10.94 3.28 9.81
CA ILE B 79 -9.50 3.42 10.15
C ILE B 79 -9.13 2.19 10.99
N THR B 80 -8.19 1.39 10.48
CA THR B 80 -7.73 0.17 11.20
C THR B 80 -6.20 0.17 11.20
N GLU B 81 -5.62 -0.53 12.16
CA GLU B 81 -4.15 -0.73 12.20
C GLU B 81 -3.71 -1.48 10.94
N GLU B 82 -4.48 -2.47 10.47
CA GLU B 82 -4.10 -3.21 9.23
C GLU B 82 -3.99 -2.23 8.05
N ARG B 83 -4.99 -1.36 7.83
CA ARG B 83 -4.97 -0.41 6.69
C ARG B 83 -3.87 0.66 6.91
N LYS B 84 -3.53 1.01 8.16
CA LYS B 84 -2.50 2.04 8.42
C LYS B 84 -1.12 1.49 8.03
N LYS B 85 -1.00 0.18 7.81
CA LYS B 85 0.30 -0.36 7.36
C LYS B 85 0.61 0.14 5.95
N VAL B 86 -0.44 0.40 5.16
CA VAL B 86 -0.26 0.61 3.69
C VAL B 86 -0.66 2.02 3.24
N VAL B 87 -1.60 2.67 3.95
CA VAL B 87 -2.07 4.04 3.59
C VAL B 87 -2.12 4.93 4.84
N ALA B 88 -2.15 6.23 4.61
CA ALA B 88 -2.45 7.28 5.61
C ALA B 88 -3.96 7.50 5.65
N PHE B 89 -4.49 7.82 6.84
CA PHE B 89 -5.90 8.25 6.99
C PHE B 89 -5.92 9.70 7.48
N SER B 90 -6.94 10.40 7.00
CA SER B 90 -7.41 11.66 7.62
C SER B 90 -7.88 11.38 9.04
N ASP B 91 -8.11 12.47 9.76
CA ASP B 91 -8.92 12.42 10.99
C ASP B 91 -10.23 11.75 10.64
N PRO B 92 -10.87 11.08 11.61
CA PRO B 92 -12.18 10.50 11.38
C PRO B 92 -13.18 11.55 10.95
N TYR B 93 -14.10 11.19 10.05
CA TYR B 93 -15.15 12.11 9.59
C TYR B 93 -16.53 11.58 9.95
N PHE B 94 -16.60 10.33 10.41
CA PHE B 94 -17.85 9.70 10.84
C PHE B 94 -17.49 8.75 11.98
N ASP B 95 -18.26 8.84 13.06
CA ASP B 95 -18.11 8.03 14.29
C ASP B 95 -19.35 7.15 14.43
N ALA B 96 -19.23 5.84 14.22
CA ALA B 96 -20.42 4.97 14.09
C ALA B 96 -21.11 4.83 15.45
N GLY B 97 -20.29 4.80 16.50
CA GLY B 97 -20.64 4.23 17.82
C GLY B 97 -20.97 5.33 18.80
N GLY B 98 -20.44 6.53 18.56
CA GLY B 98 -20.69 7.74 19.37
C GLY B 98 -19.60 7.97 20.41
N GLY B 99 -18.88 6.93 20.82
CA GLY B 99 -17.85 7.04 21.89
C GLY B 99 -16.61 7.82 21.47
N GLY B 100 -16.55 8.35 20.24
CA GLY B 100 -15.31 8.38 19.45
C GLY B 100 -14.74 6.97 19.36
N SER B 101 -15.65 5.99 19.50
CA SER B 101 -15.37 4.55 19.72
C SER B 101 -16.20 3.76 18.72
N GLY B 102 -15.91 2.46 18.60
CA GLY B 102 -16.36 1.64 17.46
C GLY B 102 -15.83 2.24 16.17
N GLU B 103 -16.38 1.81 15.04
CA GLU B 103 -15.83 2.11 13.69
C GLU B 103 -15.72 3.64 13.54
N GLN B 104 -14.57 4.15 13.12
CA GLN B 104 -14.47 5.57 12.67
C GLN B 104 -14.04 5.54 11.21
N TYR B 105 -14.78 6.25 10.36
CA TYR B 105 -14.41 6.30 8.93
C TYR B 105 -13.37 7.39 8.72
N GLY B 106 -12.43 7.10 7.84
CA GLY B 106 -11.38 8.06 7.44
C GLY B 106 -11.19 8.07 5.94
N ILE B 107 -10.56 9.14 5.45
CA ILE B 107 -10.19 9.29 4.03
C ILE B 107 -8.77 8.74 3.88
N ALA B 108 -8.60 7.75 3.01
CA ALA B 108 -7.28 7.15 2.78
C ALA B 108 -6.55 7.96 1.70
N VAL B 109 -5.27 8.18 1.96
CA VAL B 109 -4.29 8.95 1.15
C VAL B 109 -2.99 8.14 1.07
N ARG B 110 -2.31 8.13 -0.07
CA ARG B 110 -0.94 7.56 -0.15
C ARG B 110 -0.12 8.26 0.95
N LYS B 111 0.74 7.48 1.62
CA LYS B 111 1.57 8.04 2.71
C LYS B 111 2.47 9.16 2.20
N GLU B 112 2.85 9.16 0.92
CA GLU B 112 3.78 10.23 0.42
C GLU B 112 3.02 11.55 0.24
N ASP B 113 1.69 11.57 0.18
CA ASP B 113 0.92 12.78 -0.20
C ASP B 113 0.56 13.58 1.06
N THR B 114 1.57 14.10 1.74
CA THR B 114 1.42 14.72 3.08
C THR B 114 0.66 16.04 2.95
N ASP B 115 0.90 16.81 1.89
CA ASP B 115 0.26 18.12 1.74
C ASP B 115 -1.24 17.86 1.57
N LEU B 116 -1.63 16.87 0.78
CA LEU B 116 -3.04 16.51 0.51
C LEU B 116 -3.72 16.10 1.82
N LEU B 117 -3.02 15.33 2.65
CA LEU B 117 -3.61 14.83 3.92
C LEU B 117 -3.83 16.04 4.86
N GLU B 118 -2.84 16.92 4.96
CA GLU B 118 -2.89 18.16 5.78
C GLU B 118 -4.08 19.02 5.36
N PHE B 119 -4.26 19.17 4.05
CA PHE B 119 -5.35 19.99 3.50
C PHE B 119 -6.69 19.31 3.84
N ILE B 120 -6.80 17.99 3.62
CA ILE B 120 -8.07 17.27 3.95
C ILE B 120 -8.40 17.44 5.44
N ASN B 121 -7.42 17.29 6.32
CA ASN B 121 -7.69 17.46 7.76
C ASN B 121 -8.17 18.88 8.05
N SER B 122 -7.65 19.90 7.36
CA SER B 122 -8.14 21.30 7.52
C SER B 122 -9.59 21.44 7.08
N VAL B 123 -9.96 20.79 5.98
CA VAL B 123 -11.35 20.83 5.46
C VAL B 123 -12.29 20.17 6.45
N LEU B 124 -11.89 19.03 7.00
CA LEU B 124 -12.71 18.30 7.99
C LEU B 124 -12.96 19.19 9.22
N ARG B 125 -11.96 19.94 9.68
CA ARG B 125 -12.13 20.85 10.87
C ARG B 125 -13.13 21.94 10.49
N GLU B 126 -13.03 22.46 9.28
CA GLU B 126 -13.95 23.53 8.78
C GLU B 126 -15.36 22.94 8.66
N LEU B 127 -15.52 21.68 8.23
CA LEU B 127 -16.88 21.13 8.03
C LEU B 127 -17.50 20.84 9.39
N LYS B 128 -16.71 20.39 10.35
CA LYS B 128 -17.15 20.23 11.76
C LYS B 128 -17.49 21.62 12.32
C GAI C . 20.67 -3.11 2.16
N1 GAI C . 21.25 -2.13 2.89
N2 GAI C . 21.26 -4.30 2.16
N3 GAI C . 19.54 -2.78 1.46
C1 EDO D . 0.46 -7.26 6.31
O1 EDO D . -0.44 -7.57 7.38
C2 EDO D . 1.79 -7.88 6.49
O2 EDO D . 1.78 -9.28 6.34
C GAI E . -18.14 0.11 1.19
N1 GAI E . -18.28 1.19 0.42
N2 GAI E . -18.54 -1.06 0.69
N3 GAI E . -17.62 0.21 2.39
C1 EDO F . -3.95 9.92 -8.92
O1 EDO F . -3.22 10.69 -8.00
C2 EDO F . -3.94 10.54 -10.26
O2 EDO F . -2.66 10.47 -10.89
#